data_2QV1
#
_entry.id   2QV1
#
_cell.length_a   228.760
_cell.length_b   228.760
_cell.length_c   75.530
_cell.angle_alpha   90.00
_cell.angle_beta   90.00
_cell.angle_gamma   120.00
#
_symmetry.space_group_name_H-M   'H 3 2'
#
loop_
_entity.id
_entity.type
_entity.pdbx_description
1 polymer NS3
2 polymer peptide
3 non-polymer 'ZINC ION'
4 water water
#
loop_
_entity_poly.entity_id
_entity_poly.type
_entity_poly.pdbx_seq_one_letter_code
_entity_poly.pdbx_strand_id
1 'polypeptide(L)'
;APITAYAQQTRGLLGCIITSLTGRDKNQVEGEVQIMSTATQTFLATCINGVCWTVYHGAGTRTIASPKGPVIQMYTNVDQ
DLVGWPAPQGSRSLTPCTCGSSDLYLVTRHADVIPVRRRGDSRGSLLSPRPISYLKGSSGGPLLCPAGHAVGLFRAAVCT
RGVAKAVDFIPVENLETTMRS
;
A,B
2 'polypeptide(L)' KGSVVIVGRIVLSGKPAIIPA C,D
#
loop_
_chem_comp.id
_chem_comp.type
_chem_comp.name
_chem_comp.formula
ZN non-polymer 'ZINC ION' 'Zn 2'
#
# COMPACT_ATOMS: atom_id res chain seq x y z
N VAL A 29 -2.39 15.08 -3.94
CA VAL A 29 -2.16 13.67 -4.39
C VAL A 29 -0.82 13.56 -5.10
N GLU A 30 0.03 12.66 -4.62
CA GLU A 30 1.35 12.48 -5.21
C GLU A 30 1.55 11.13 -5.92
N GLY A 31 2.46 11.10 -6.89
CA GLY A 31 2.76 9.89 -7.62
C GLY A 31 4.18 9.40 -7.37
N GLU A 32 4.35 8.08 -7.32
CA GLU A 32 5.67 7.48 -7.13
C GLU A 32 6.39 7.41 -8.47
N VAL A 33 5.59 7.37 -9.53
CA VAL A 33 6.10 7.12 -10.88
C VAL A 33 5.76 8.30 -11.77
N GLN A 34 6.76 8.81 -12.48
CA GLN A 34 6.53 9.89 -13.42
C GLN A 34 6.70 9.43 -14.86
N ILE A 35 5.77 9.83 -15.70
CA ILE A 35 5.88 9.60 -17.12
C ILE A 35 6.75 10.68 -17.74
N MET A 36 7.81 10.27 -18.44
CA MET A 36 8.79 11.24 -18.90
C MET A 36 9.03 11.28 -20.40
N SER A 37 9.56 12.40 -20.85
CA SER A 37 9.75 12.60 -22.28
C SER A 37 11.08 13.27 -22.60
N THR A 38 11.69 12.85 -23.69
CA THR A 38 12.82 13.55 -24.25
C THR A 38 12.37 13.86 -25.68
N ALA A 39 13.23 14.49 -26.48
CA ALA A 39 12.83 14.81 -27.84
C ALA A 39 12.65 13.54 -28.67
N THR A 40 13.56 12.59 -28.49
CA THR A 40 13.66 11.42 -29.34
C THR A 40 13.02 10.18 -28.72
N GLN A 41 12.74 10.24 -27.42
CA GLN A 41 12.49 9.04 -26.63
C GLN A 41 11.44 9.28 -25.54
N THR A 42 10.83 8.21 -25.06
CA THR A 42 9.90 8.33 -23.94
C THR A 42 9.96 7.13 -23.02
N PHE A 43 10.00 7.41 -21.72
CA PHE A 43 10.26 6.37 -20.72
C PHE A 43 9.65 6.74 -19.37
N LEU A 44 9.92 5.92 -18.35
CA LEU A 44 9.39 6.18 -17.02
C LEU A 44 10.54 6.41 -16.02
N ALA A 45 10.20 6.99 -14.87
CA ALA A 45 11.11 7.05 -13.73
C ALA A 45 10.36 6.69 -12.46
N THR A 46 11.09 6.18 -11.48
CA THR A 46 10.49 5.75 -10.23
C THR A 46 11.21 6.39 -9.06
N CYS A 47 10.46 7.03 -8.16
CA CYS A 47 11.04 7.67 -7.00
C CYS A 47 11.25 6.68 -5.88
N ILE A 48 12.46 6.66 -5.32
CA ILE A 48 12.77 5.77 -4.22
C ILE A 48 13.81 6.40 -3.30
N ASN A 49 13.54 6.37 -2.00
CA ASN A 49 14.46 6.95 -1.03
C ASN A 49 14.85 8.38 -1.40
N GLY A 50 13.87 9.15 -1.87
CA GLY A 50 14.10 10.56 -2.14
C GLY A 50 14.79 10.82 -3.47
N VAL A 51 15.13 9.76 -4.19
CA VAL A 51 15.76 9.92 -5.50
C VAL A 51 14.80 9.52 -6.62
N CYS A 52 14.85 10.24 -7.73
CA CYS A 52 14.03 9.91 -8.89
C CYS A 52 14.87 9.17 -9.95
N TRP A 53 14.64 7.88 -10.08
CA TRP A 53 15.51 7.00 -10.86
C TRP A 53 14.88 6.64 -12.20
N THR A 54 15.75 6.40 -13.18
CA THR A 54 15.33 5.90 -14.49
C THR A 54 16.54 5.28 -15.18
N VAL A 55 16.36 4.84 -16.42
CA VAL A 55 17.45 4.15 -17.12
C VAL A 55 18.34 5.09 -17.92
N TYR A 56 19.64 4.89 -17.79
CA TYR A 56 20.60 5.70 -18.54
C TYR A 56 20.30 5.68 -20.02
N HIS A 57 19.91 4.52 -20.55
CA HIS A 57 19.74 4.38 -21.98
C HIS A 57 18.51 5.15 -22.45
N GLY A 58 17.86 5.81 -21.51
CA GLY A 58 16.80 6.73 -21.87
C GLY A 58 17.20 8.18 -21.70
N ALA A 59 17.73 8.51 -20.53
CA ALA A 59 17.96 9.90 -20.16
C ALA A 59 19.38 10.37 -20.46
N GLY A 60 20.28 9.42 -20.67
CA GLY A 60 21.68 9.78 -20.81
C GLY A 60 22.16 10.51 -19.57
N THR A 61 22.89 11.60 -19.78
CA THR A 61 23.36 12.45 -18.68
C THR A 61 22.47 13.67 -18.56
N ARG A 62 21.41 13.71 -19.36
CA ARG A 62 20.48 14.83 -19.42
C ARG A 62 20.05 15.32 -18.03
N THR A 63 19.70 16.59 -17.95
CA THR A 63 19.15 17.17 -16.74
C THR A 63 17.62 17.02 -16.73
N ILE A 64 17.03 17.19 -15.56
CA ILE A 64 15.57 17.18 -15.47
C ILE A 64 15.01 18.59 -15.36
N ALA A 65 13.95 18.86 -16.11
CA ALA A 65 13.28 20.16 -16.08
C ALA A 65 12.63 20.42 -14.73
N SER A 66 12.70 21.67 -14.27
CA SER A 66 11.90 22.10 -13.12
C SER A 66 11.52 23.56 -13.30
N PRO A 67 10.53 24.03 -12.53
CA PRO A 67 10.09 25.42 -12.75
C PRO A 67 11.13 26.47 -12.37
N LYS A 68 12.26 26.03 -11.82
CA LYS A 68 13.40 26.90 -11.57
C LYS A 68 14.54 26.63 -12.53
N GLY A 69 14.26 25.92 -13.61
CA GLY A 69 15.29 25.55 -14.57
C GLY A 69 15.87 24.17 -14.32
N PRO A 70 16.77 23.69 -15.19
CA PRO A 70 17.27 22.32 -15.18
C PRO A 70 17.97 21.92 -13.87
N VAL A 71 17.78 20.66 -13.49
CA VAL A 71 18.41 20.11 -12.30
C VAL A 71 19.31 18.98 -12.74
N ILE A 72 20.52 18.92 -12.19
CA ILE A 72 21.49 17.94 -12.66
C ILE A 72 21.30 16.62 -11.95
N GLN A 73 21.67 15.54 -12.62
CA GLN A 73 21.65 14.22 -12.02
C GLN A 73 22.48 14.21 -10.74
N MET A 74 22.08 13.41 -9.76
CA MET A 74 22.92 13.20 -8.58
C MET A 74 23.72 11.93 -8.74
N TYR A 75 23.22 11.03 -9.59
CA TYR A 75 23.84 9.74 -9.83
C TYR A 75 23.84 9.41 -11.31
N THR A 76 24.97 8.88 -11.78
CA THR A 76 25.07 8.36 -13.14
C THR A 76 25.92 7.10 -13.07
N ASN A 77 25.33 5.96 -13.40
CA ASN A 77 26.00 4.69 -13.21
C ASN A 77 25.86 3.82 -14.44
N VAL A 78 26.50 4.24 -15.53
CA VAL A 78 26.40 3.57 -16.82
C VAL A 78 26.63 2.06 -16.69
N ASP A 79 27.55 1.67 -15.83
CA ASP A 79 27.83 0.25 -15.62
C ASP A 79 26.52 -0.48 -15.42
N GLN A 80 25.56 0.20 -14.77
CA GLN A 80 24.32 -0.43 -14.38
C GLN A 80 23.10 0.12 -15.08
N ASP A 81 23.33 1.05 -16.01
CA ASP A 81 22.24 1.63 -16.82
C ASP A 81 21.26 2.42 -15.94
N LEU A 82 21.80 3.11 -14.93
CA LEU A 82 20.99 3.74 -13.90
C LEU A 82 21.39 5.20 -13.69
N VAL A 83 20.42 6.11 -13.71
CA VAL A 83 20.65 7.50 -13.29
C VAL A 83 19.59 7.96 -12.29
N GLY A 84 19.99 8.88 -11.40
CA GLY A 84 19.04 9.47 -10.47
C GLY A 84 19.06 10.99 -10.40
N TRP A 85 17.88 11.57 -10.22
CA TRP A 85 17.76 13.00 -9.92
C TRP A 85 17.13 13.14 -8.55
N PRO A 86 17.14 14.37 -7.99
CA PRO A 86 16.35 14.64 -6.78
C PRO A 86 14.87 14.51 -7.09
N ALA A 87 14.10 13.99 -6.15
CA ALA A 87 12.68 13.77 -6.41
C ALA A 87 11.98 15.08 -6.76
N PRO A 88 11.18 15.08 -7.82
CA PRO A 88 10.46 16.29 -8.25
C PRO A 88 9.27 16.62 -7.35
N GLN A 89 8.75 17.84 -7.49
CA GLN A 89 7.49 18.21 -6.86
C GLN A 89 6.35 17.35 -7.42
N GLY A 90 5.38 17.03 -6.57
CA GLY A 90 4.27 16.20 -7.00
C GLY A 90 4.58 14.71 -6.98
N SER A 91 5.69 14.34 -6.34
CA SER A 91 6.10 12.95 -6.28
C SER A 91 6.13 12.40 -4.84
N ARG A 92 6.07 11.07 -4.76
CA ARG A 92 5.98 10.30 -3.51
C ARG A 92 7.12 9.26 -3.71
N SER A 93 7.74 8.81 -2.62
CA SER A 93 8.76 7.77 -2.71
C SER A 93 8.22 6.36 -2.47
N LEU A 94 8.79 5.39 -3.17
CA LEU A 94 8.49 3.98 -2.94
C LEU A 94 9.41 3.43 -1.88
N THR A 95 8.87 2.56 -1.05
CA THR A 95 9.67 1.79 -0.11
C THR A 95 10.28 0.59 -0.84
N PRO A 96 11.56 0.30 -0.58
CA PRO A 96 12.20 -0.87 -1.16
C PRO A 96 11.62 -2.15 -0.55
N CYS A 97 11.56 -3.22 -1.33
CA CYS A 97 11.13 -4.52 -0.82
C CYS A 97 12.14 -5.13 0.15
N THR A 98 11.69 -5.40 1.38
CA THR A 98 12.47 -6.23 2.30
C THR A 98 11.82 -7.60 2.33
N CYS A 99 10.87 -7.79 1.43
CA CYS A 99 9.81 -8.78 1.65
C CYS A 99 10.19 -10.14 1.02
N GLY A 100 10.93 -10.11 -0.09
CA GLY A 100 11.60 -11.31 -0.57
C GLY A 100 10.94 -12.06 -1.72
N SER A 101 9.62 -11.91 -1.85
CA SER A 101 8.82 -12.66 -2.81
C SER A 101 9.45 -12.71 -4.22
N SER A 102 9.00 -13.69 -5.01
CA SER A 102 9.40 -13.77 -6.41
C SER A 102 8.24 -13.41 -7.31
N ASP A 103 7.10 -13.09 -6.70
CA ASP A 103 5.95 -12.64 -7.46
C ASP A 103 6.02 -11.12 -7.64
N LEU A 104 6.37 -10.68 -8.84
CA LEU A 104 6.58 -9.27 -9.10
C LEU A 104 5.44 -8.71 -9.92
N TYR A 105 5.30 -7.39 -9.92
CA TYR A 105 4.34 -6.77 -10.80
C TYR A 105 4.94 -5.54 -11.45
N LEU A 106 4.90 -5.54 -12.78
CA LEU A 106 5.52 -4.47 -13.54
C LEU A 106 4.41 -3.54 -13.97
N VAL A 107 4.64 -2.25 -13.72
CA VAL A 107 3.65 -1.22 -14.01
C VAL A 107 4.11 -0.48 -15.26
N THR A 108 3.21 -0.35 -16.23
CA THR A 108 3.58 0.25 -17.52
C THR A 108 3.18 1.72 -17.52
N ARG A 109 3.56 2.44 -18.57
CA ARG A 109 3.31 3.88 -18.65
C ARG A 109 1.83 4.18 -18.88
N HIS A 110 1.03 3.12 -19.03
CA HIS A 110 -0.42 3.25 -19.11
C HIS A 110 -1.09 2.77 -17.83
N ALA A 111 -0.27 2.41 -16.85
CA ALA A 111 -0.73 1.95 -15.54
C ALA A 111 -1.32 0.56 -15.60
N ASP A 112 -0.95 -0.20 -16.63
CA ASP A 112 -1.26 -1.63 -16.63
C ASP A 112 -0.31 -2.29 -15.64
N VAL A 113 -0.77 -3.38 -15.03
CA VAL A 113 0.03 -4.09 -14.05
C VAL A 113 0.26 -5.51 -14.58
N ILE A 114 1.52 -5.82 -14.87
CA ILE A 114 1.87 -7.07 -15.56
C ILE A 114 2.59 -8.03 -14.63
N PRO A 115 1.99 -9.18 -14.36
CA PRO A 115 2.58 -10.21 -13.50
C PRO A 115 3.86 -10.82 -14.08
N VAL A 116 4.87 -10.94 -13.23
CA VAL A 116 6.20 -11.37 -13.64
C VAL A 116 6.78 -12.25 -12.56
N ARG A 117 7.20 -13.45 -12.94
CA ARG A 117 7.84 -14.36 -12.00
C ARG A 117 9.32 -14.05 -11.99
N ARG A 118 9.92 -13.98 -10.80
CA ARG A 118 11.33 -13.67 -10.71
C ARG A 118 12.18 -14.91 -10.89
N ARG A 119 13.18 -14.82 -11.76
CA ARG A 119 14.06 -15.95 -12.00
C ARG A 119 15.42 -15.74 -11.35
N GLY A 120 16.11 -14.67 -11.73
CA GLY A 120 17.42 -14.40 -11.16
C GLY A 120 17.51 -13.01 -10.54
N ASP A 121 18.71 -12.65 -10.10
CA ASP A 121 18.98 -11.32 -9.54
C ASP A 121 18.32 -10.20 -10.31
N SER A 122 18.31 -10.32 -11.63
CA SER A 122 17.87 -9.22 -12.47
C SER A 122 17.01 -9.69 -13.63
N ARG A 123 16.43 -10.88 -13.48
CA ARG A 123 15.62 -11.44 -14.56
C ARG A 123 14.27 -11.91 -14.03
N GLY A 124 13.24 -11.79 -14.87
CA GLY A 124 11.94 -12.33 -14.53
C GLY A 124 11.12 -12.60 -15.77
N SER A 125 10.22 -13.58 -15.69
CA SER A 125 9.42 -13.97 -16.85
C SER A 125 7.95 -13.57 -16.73
N LEU A 126 7.37 -13.09 -17.82
CA LEU A 126 5.95 -12.76 -17.83
C LEU A 126 5.12 -14.01 -17.71
N LEU A 127 4.13 -13.98 -16.83
CA LEU A 127 3.21 -15.09 -16.71
C LEU A 127 2.40 -15.22 -17.99
N SER A 128 2.08 -14.09 -18.61
CA SER A 128 1.42 -14.08 -19.91
C SER A 128 2.17 -13.21 -20.90
N PRO A 129 3.01 -13.83 -21.74
CA PRO A 129 3.86 -13.07 -22.64
C PRO A 129 3.02 -12.04 -23.40
N ARG A 130 3.67 -10.97 -23.85
CA ARG A 130 2.97 -9.90 -24.53
C ARG A 130 3.76 -9.44 -25.75
N PRO A 131 3.05 -8.95 -26.77
CA PRO A 131 3.71 -8.27 -27.88
C PRO A 131 4.62 -7.20 -27.30
N ILE A 132 5.80 -7.05 -27.88
CA ILE A 132 6.79 -6.17 -27.29
C ILE A 132 6.30 -4.73 -27.24
N SER A 133 5.34 -4.40 -28.12
CA SER A 133 4.86 -3.03 -28.22
C SER A 133 4.06 -2.67 -26.97
N TYR A 134 3.65 -3.69 -26.23
CA TYR A 134 2.89 -3.48 -25.01
C TYR A 134 3.77 -2.96 -23.88
N LEU A 135 5.08 -3.16 -24.00
CA LEU A 135 6.04 -2.73 -22.97
C LEU A 135 6.72 -1.45 -23.39
N LYS A 136 6.33 -0.92 -24.54
CA LYS A 136 7.05 0.19 -25.14
C LYS A 136 6.89 1.46 -24.33
N GLY A 137 8.01 2.11 -24.05
CA GLY A 137 7.97 3.37 -23.34
C GLY A 137 7.76 3.18 -21.86
N SER A 138 8.02 1.97 -21.37
CA SER A 138 7.82 1.66 -19.96
C SER A 138 9.09 1.34 -19.17
N SER A 139 10.26 1.42 -19.80
CA SER A 139 11.48 1.11 -19.06
C SER A 139 11.76 2.25 -18.08
N GLY A 140 12.17 1.90 -16.85
CA GLY A 140 12.30 2.88 -15.80
C GLY A 140 11.13 2.79 -14.83
N GLY A 141 10.10 2.06 -15.25
CA GLY A 141 8.97 1.75 -14.38
C GLY A 141 9.33 0.71 -13.33
N PRO A 142 8.55 0.61 -12.25
CA PRO A 142 8.85 -0.26 -11.11
C PRO A 142 8.34 -1.70 -11.29
N LEU A 143 9.15 -2.66 -10.84
CA LEU A 143 8.65 -3.99 -10.54
C LEU A 143 8.33 -4.01 -9.04
N LEU A 144 7.07 -4.35 -8.72
CA LEU A 144 6.60 -4.34 -7.34
C LEU A 144 6.40 -5.74 -6.77
N CYS A 145 6.70 -5.89 -5.49
CA CYS A 145 6.42 -7.12 -4.75
C CYS A 145 4.94 -7.11 -4.35
N PRO A 146 4.45 -8.20 -3.76
CA PRO A 146 3.04 -8.29 -3.34
C PRO A 146 2.59 -7.18 -2.37
N ALA A 147 3.55 -6.62 -1.62
CA ALA A 147 3.24 -5.54 -0.68
C ALA A 147 3.34 -4.19 -1.38
N GLY A 148 3.58 -4.22 -2.68
CA GLY A 148 3.63 -2.99 -3.44
C GLY A 148 4.92 -2.22 -3.24
N HIS A 149 5.93 -2.89 -2.69
CA HIS A 149 7.24 -2.27 -2.52
C HIS A 149 8.12 -2.50 -3.73
N ALA A 150 9.23 -1.78 -3.79
CA ALA A 150 10.04 -1.75 -5.00
C ALA A 150 11.03 -2.92 -5.05
N VAL A 151 10.97 -3.68 -6.12
CA VAL A 151 11.92 -4.77 -6.28
C VAL A 151 13.01 -4.37 -7.27
N GLY A 152 12.64 -3.62 -8.30
CA GLY A 152 13.61 -3.19 -9.28
C GLY A 152 12.97 -2.29 -10.32
N LEU A 153 13.80 -1.71 -11.17
CA LEU A 153 13.31 -0.91 -12.30
C LEU A 153 13.35 -1.76 -13.57
N PHE A 154 12.28 -1.70 -14.36
CA PHE A 154 12.24 -2.44 -15.61
C PHE A 154 13.28 -1.90 -16.58
N ARG A 155 14.22 -2.75 -16.98
CA ARG A 155 15.35 -2.33 -17.78
C ARG A 155 15.17 -2.61 -19.28
N ALA A 156 14.81 -3.84 -19.63
CA ALA A 156 14.79 -4.25 -21.04
C ALA A 156 13.90 -5.49 -21.29
N ALA A 157 13.23 -5.50 -22.44
CA ALA A 157 12.40 -6.63 -22.85
C ALA A 157 13.22 -7.70 -23.60
N VAL A 158 13.10 -8.95 -23.14
CA VAL A 158 13.68 -10.09 -23.85
C VAL A 158 12.68 -10.64 -24.86
N CYS A 159 12.94 -10.41 -26.14
CA CYS A 159 12.00 -10.77 -27.19
C CYS A 159 12.34 -12.03 -27.99
N THR A 160 11.32 -12.74 -28.41
CA THR A 160 11.44 -13.77 -29.42
C THR A 160 10.41 -13.53 -30.50
N ARG A 161 10.88 -13.24 -31.71
CA ARG A 161 10.00 -12.92 -32.82
C ARG A 161 8.87 -12.01 -32.37
N GLY A 162 9.24 -10.88 -31.75
CA GLY A 162 8.28 -9.84 -31.45
C GLY A 162 7.53 -10.02 -30.15
N VAL A 163 7.62 -11.19 -29.55
CA VAL A 163 6.95 -11.45 -28.29
C VAL A 163 7.90 -11.33 -27.11
N ALA A 164 7.54 -10.46 -26.16
CA ALA A 164 8.31 -10.30 -24.93
C ALA A 164 7.91 -11.43 -24.00
N LYS A 165 8.89 -12.21 -23.54
CA LYS A 165 8.58 -13.34 -22.67
C LYS A 165 9.17 -13.13 -21.30
N ALA A 166 10.21 -12.33 -21.24
CA ALA A 166 10.85 -12.02 -19.98
C ALA A 166 11.33 -10.58 -20.01
N VAL A 167 11.86 -10.12 -18.88
CA VAL A 167 12.34 -8.76 -18.77
C VAL A 167 13.62 -8.73 -17.97
N ASP A 168 14.55 -7.86 -18.34
CA ASP A 168 15.65 -7.51 -17.46
C ASP A 168 15.23 -6.34 -16.58
N PHE A 169 15.76 -6.31 -15.36
CA PHE A 169 15.47 -5.21 -14.48
C PHE A 169 16.66 -4.91 -13.59
N ILE A 170 16.75 -3.66 -13.13
CA ILE A 170 17.83 -3.23 -12.25
C ILE A 170 17.40 -3.51 -10.82
N PRO A 171 18.07 -4.45 -10.15
CA PRO A 171 17.67 -4.73 -8.77
C PRO A 171 17.80 -3.50 -7.88
N VAL A 172 16.92 -3.39 -6.88
CA VAL A 172 16.82 -2.19 -6.06
C VAL A 172 18.06 -2.01 -5.17
N GLU A 173 18.77 -3.10 -4.91
CA GLU A 173 20.03 -3.02 -4.18
C GLU A 173 21.08 -2.22 -4.95
N ASN A 174 20.99 -2.23 -6.27
CA ASN A 174 21.90 -1.45 -7.09
C ASN A 174 21.69 0.03 -6.81
N LEU A 175 20.43 0.41 -6.59
CA LEU A 175 20.12 1.78 -6.20
C LEU A 175 20.68 2.08 -4.82
N GLU A 176 20.44 1.18 -3.87
CA GLU A 176 20.86 1.41 -2.50
C GLU A 176 22.39 1.54 -2.41
N THR A 177 23.11 0.71 -3.15
CA THR A 177 24.57 0.76 -3.11
C THR A 177 25.06 2.02 -3.79
N THR A 178 24.45 2.36 -4.92
CA THR A 178 24.79 3.58 -5.63
C THR A 178 24.72 4.78 -4.69
N MET A 179 23.81 4.72 -3.72
CA MET A 179 23.68 5.78 -2.74
C MET A 179 24.72 5.63 -1.62
N ALA B 1 -2.45 -9.35 -8.23
CA ALA B 1 -2.59 -7.95 -7.74
C ALA B 1 -1.59 -7.73 -6.63
N PRO B 2 -0.81 -6.64 -6.72
CA PRO B 2 -0.03 -6.10 -5.59
C PRO B 2 -0.96 -5.31 -4.68
N ILE B 3 -0.71 -5.37 -3.38
CA ILE B 3 -1.52 -4.66 -2.39
C ILE B 3 -1.05 -3.23 -2.20
N THR B 4 -1.95 -2.28 -2.41
CA THR B 4 -1.66 -0.86 -2.23
C THR B 4 -2.80 -0.18 -1.49
N ALA B 5 -2.44 0.82 -0.70
CA ALA B 5 -3.36 1.47 0.23
C ALA B 5 -3.19 2.99 0.24
N TYR B 6 -4.31 3.70 0.30
CA TYR B 6 -4.23 5.12 0.58
C TYR B 6 -5.25 5.52 1.66
N ALA B 7 -4.99 6.65 2.31
CA ALA B 7 -5.82 7.09 3.43
C ALA B 7 -6.44 8.46 3.12
N GLN B 8 -7.65 8.67 3.63
CA GLN B 8 -8.29 9.97 3.55
C GLN B 8 -8.88 10.32 4.90
N GLN B 9 -8.61 11.54 5.37
CA GLN B 9 -9.22 12.05 6.58
C GLN B 9 -10.59 12.67 6.24
N THR B 10 -11.60 12.42 7.07
CA THR B 10 -12.96 12.84 6.74
C THR B 10 -13.54 13.85 7.72
N ARG B 11 -12.93 13.96 8.89
CA ARG B 11 -13.35 14.99 9.84
C ARG B 11 -12.34 15.27 10.93
N GLY B 12 -12.37 16.48 11.45
CA GLY B 12 -11.42 16.90 12.46
C GLY B 12 -11.96 16.75 13.86
N LEU B 13 -11.16 17.15 14.83
CA LEU B 13 -11.40 16.81 16.22
C LEU B 13 -12.69 17.38 16.79
N LEU B 14 -13.06 18.58 16.38
CA LEU B 14 -14.30 19.17 16.88
C LEU B 14 -15.53 18.49 16.29
N GLY B 15 -15.47 18.14 15.01
CA GLY B 15 -16.56 17.39 14.40
C GLY B 15 -16.63 15.96 14.93
N CYS B 16 -15.49 15.38 15.29
CA CYS B 16 -15.50 14.05 15.87
C CYS B 16 -16.28 14.07 17.18
N ILE B 17 -15.88 14.96 18.08
CA ILE B 17 -16.53 15.12 19.37
C ILE B 17 -18.03 15.36 19.26
N ILE B 18 -18.43 16.26 18.38
CA ILE B 18 -19.85 16.57 18.26
C ILE B 18 -20.61 15.34 17.77
N THR B 19 -20.03 14.66 16.78
CA THR B 19 -20.64 13.48 16.17
C THR B 19 -20.63 12.33 17.17
N SER B 20 -19.59 12.30 18.00
CA SER B 20 -19.54 11.32 19.07
C SER B 20 -20.78 11.44 19.97
N LEU B 21 -21.01 12.63 20.51
CA LEU B 21 -22.07 12.78 21.50
C LEU B 21 -23.47 12.60 20.92
N THR B 22 -23.69 12.97 19.67
CA THR B 22 -25.01 12.85 19.07
C THR B 22 -25.24 11.46 18.49
N GLY B 23 -24.15 10.76 18.20
CA GLY B 23 -24.23 9.49 17.51
C GLY B 23 -24.83 9.58 16.11
N ARG B 24 -24.84 10.78 15.54
CA ARG B 24 -25.40 10.94 14.20
C ARG B 24 -24.34 11.32 13.18
N ASP B 25 -24.09 10.43 12.23
CA ASP B 25 -23.06 10.66 11.21
C ASP B 25 -23.64 10.58 9.82
N LYS B 26 -23.60 11.70 9.11
CA LYS B 26 -24.19 11.80 7.78
C LYS B 26 -23.17 11.73 6.64
N ASN B 27 -21.88 11.70 6.97
CA ASN B 27 -20.82 11.55 5.96
C ASN B 27 -20.99 10.27 5.15
N GLN B 28 -20.60 10.34 3.88
CA GLN B 28 -20.58 9.16 3.04
C GLN B 28 -19.45 8.26 3.48
N VAL B 29 -19.69 6.95 3.40
CA VAL B 29 -18.68 5.98 3.75
C VAL B 29 -18.20 5.24 2.52
N GLU B 30 -16.88 5.16 2.39
CA GLU B 30 -16.23 4.32 1.40
C GLU B 30 -15.06 3.58 2.01
N GLY B 31 -14.67 2.48 1.40
CA GLY B 31 -13.47 1.80 1.82
C GLY B 31 -13.72 0.52 2.60
N GLU B 32 -12.66 -0.26 2.77
CA GLU B 32 -12.72 -1.52 3.47
C GLU B 32 -12.34 -1.33 4.94
N VAL B 33 -11.55 -0.29 5.20
CA VAL B 33 -11.06 -0.03 6.55
C VAL B 33 -11.44 1.37 7.00
N GLN B 34 -12.02 1.47 8.19
CA GLN B 34 -12.43 2.76 8.71
C GLN B 34 -11.51 3.22 9.83
N ILE B 35 -11.08 4.47 9.75
CA ILE B 35 -10.30 5.07 10.84
C ILE B 35 -11.24 5.59 11.92
N MET B 36 -11.04 5.10 13.14
CA MET B 36 -12.01 5.29 14.22
C MET B 36 -11.41 6.10 15.34
N SER B 37 -12.21 6.99 15.90
CA SER B 37 -11.76 7.73 17.06
C SER B 37 -12.87 7.82 18.10
N THR B 38 -12.47 7.61 19.36
CA THR B 38 -13.29 8.00 20.50
C THR B 38 -12.71 9.26 21.13
N ALA B 39 -13.35 9.75 22.17
CA ALA B 39 -12.80 10.86 22.94
C ALA B 39 -11.35 10.57 23.33
N THR B 40 -11.09 9.35 23.77
CA THR B 40 -9.85 9.01 24.45
C THR B 40 -8.78 8.40 23.54
N GLN B 41 -9.19 7.80 22.42
CA GLN B 41 -8.22 7.16 21.54
C GLN B 41 -8.70 6.90 20.12
N THR B 42 -7.78 6.47 19.28
CA THR B 42 -8.05 6.26 17.87
C THR B 42 -7.49 4.92 17.40
N PHE B 43 -8.24 4.25 16.52
CA PHE B 43 -7.89 2.90 16.09
C PHE B 43 -8.53 2.59 14.74
N LEU B 44 -8.45 1.33 14.32
CA LEU B 44 -8.96 0.92 13.02
C LEU B 44 -10.10 -0.06 13.15
N ALA B 45 -11.00 -0.05 12.18
CA ALA B 45 -12.04 -1.07 12.07
C ALA B 45 -11.98 -1.63 10.65
N THR B 46 -12.16 -2.94 10.54
CA THR B 46 -12.05 -3.62 9.25
C THR B 46 -13.38 -4.28 8.93
N CYS B 47 -13.90 -4.04 7.73
CA CYS B 47 -15.16 -4.68 7.34
C CYS B 47 -14.90 -6.03 6.72
N ILE B 48 -15.50 -7.07 7.28
CA ILE B 48 -15.38 -8.39 6.71
C ILE B 48 -16.75 -9.05 6.66
N ASN B 49 -17.14 -9.51 5.47
CA ASN B 49 -18.43 -10.16 5.27
C ASN B 49 -19.61 -9.40 5.86
N GLY B 50 -19.63 -8.08 5.69
CA GLY B 50 -20.80 -7.31 6.07
C GLY B 50 -20.84 -6.83 7.51
N VAL B 51 -19.78 -7.15 8.26
CA VAL B 51 -19.65 -6.68 9.64
C VAL B 51 -18.43 -5.81 9.79
N CYS B 52 -18.57 -4.71 10.53
CA CYS B 52 -17.44 -3.83 10.77
C CYS B 52 -16.81 -4.16 12.12
N TRP B 53 -15.65 -4.81 12.08
CA TRP B 53 -14.99 -5.35 13.28
C TRP B 53 -13.86 -4.44 13.77
N THR B 54 -13.65 -4.42 15.08
CA THR B 54 -12.48 -3.75 15.65
C THR B 54 -12.16 -4.31 17.04
N VAL B 55 -11.14 -3.77 17.71
CA VAL B 55 -10.72 -4.30 19.02
C VAL B 55 -11.54 -3.77 20.19
N TYR B 56 -11.82 -4.64 21.15
CA TYR B 56 -12.56 -4.22 22.34
C TYR B 56 -11.77 -3.23 23.21
N HIS B 57 -10.44 -3.35 23.21
CA HIS B 57 -9.63 -2.44 24.00
C HIS B 57 -9.64 -1.02 23.42
N GLY B 58 -10.30 -0.87 22.28
CA GLY B 58 -10.45 0.47 21.73
C GLY B 58 -11.86 0.99 21.85
N ALA B 59 -12.84 0.17 21.46
CA ALA B 59 -14.22 0.61 21.33
C ALA B 59 -15.08 0.34 22.58
N GLY B 60 -14.58 -0.53 23.46
CA GLY B 60 -15.41 -0.97 24.58
C GLY B 60 -16.78 -1.41 24.10
N THR B 61 -17.82 -0.98 24.80
CA THR B 61 -19.18 -1.39 24.48
C THR B 61 -19.89 -0.32 23.67
N ARG B 62 -19.14 0.66 23.18
CA ARG B 62 -19.72 1.86 22.58
C ARG B 62 -20.49 1.58 21.29
N THR B 63 -21.58 2.32 21.11
CA THR B 63 -22.28 2.37 19.83
C THR B 63 -21.36 2.99 18.77
N ILE B 64 -21.68 2.73 17.50
CA ILE B 64 -21.07 3.48 16.41
C ILE B 64 -22.02 4.58 15.96
N ALA B 65 -21.47 5.74 15.57
CA ALA B 65 -22.30 6.83 15.05
C ALA B 65 -22.66 6.52 13.61
N SER B 66 -23.93 6.65 13.27
CA SER B 66 -24.38 6.32 11.93
C SER B 66 -25.40 7.33 11.39
N PRO B 67 -25.75 7.22 10.10
CA PRO B 67 -26.74 8.11 9.50
C PRO B 67 -28.08 8.13 10.22
N LYS B 68 -28.40 7.07 10.97
CA LYS B 68 -29.70 6.99 11.66
C LYS B 68 -29.61 7.26 13.15
N GLY B 69 -28.44 7.63 13.61
CA GLY B 69 -28.21 7.68 15.05
C GLY B 69 -27.23 6.59 15.46
N PRO B 70 -26.93 6.47 16.75
CA PRO B 70 -25.95 5.49 17.23
C PRO B 70 -26.49 4.09 16.99
N VAL B 71 -25.60 3.19 16.57
CA VAL B 71 -25.98 1.81 16.31
C VAL B 71 -25.26 0.92 17.30
N ILE B 72 -25.98 -0.09 17.80
CA ILE B 72 -25.50 -0.95 18.87
C ILE B 72 -24.67 -2.09 18.29
N GLN B 73 -23.65 -2.50 19.04
CA GLN B 73 -22.81 -3.61 18.61
C GLN B 73 -23.62 -4.87 18.32
N MET B 74 -23.25 -5.58 17.25
CA MET B 74 -23.80 -6.90 16.97
C MET B 74 -23.07 -7.99 17.76
N TYR B 75 -21.76 -7.79 17.96
CA TYR B 75 -20.92 -8.78 18.60
C TYR B 75 -19.97 -8.09 19.58
N THR B 76 -19.83 -8.69 20.75
CA THR B 76 -18.91 -8.20 21.76
C THR B 76 -18.32 -9.43 22.45
N ASN B 77 -17.01 -9.58 22.40
CA ASN B 77 -16.36 -10.67 23.11
C ASN B 77 -15.08 -10.17 23.77
N VAL B 78 -15.20 -9.77 25.03
CA VAL B 78 -14.07 -9.24 25.79
C VAL B 78 -12.86 -10.15 25.79
N ASP B 79 -13.08 -11.46 25.87
CA ASP B 79 -11.99 -12.42 25.94
C ASP B 79 -11.16 -12.35 24.65
N GLN B 80 -11.84 -12.45 23.52
CA GLN B 80 -11.19 -12.42 22.21
C GLN B 80 -10.67 -11.03 21.88
N ASP B 81 -11.20 -10.01 22.55
CA ASP B 81 -10.84 -8.61 22.28
C ASP B 81 -11.41 -8.17 20.93
N LEU B 82 -12.65 -8.60 20.66
CA LEU B 82 -13.35 -8.30 19.42
C LEU B 82 -14.68 -7.57 19.66
N VAL B 83 -14.99 -6.65 18.75
CA VAL B 83 -16.28 -5.97 18.73
C VAL B 83 -16.74 -5.83 17.26
N GLY B 84 -18.05 -5.84 17.03
CA GLY B 84 -18.57 -5.72 15.68
C GLY B 84 -19.93 -5.02 15.57
N TRP B 85 -20.05 -4.14 14.57
CA TRP B 85 -21.31 -3.47 14.23
C TRP B 85 -21.72 -3.89 12.82
N PRO B 86 -23.00 -3.72 12.46
CA PRO B 86 -23.34 -3.92 11.04
C PRO B 86 -22.43 -3.01 10.21
N ALA B 87 -21.98 -3.47 9.05
CA ALA B 87 -21.07 -2.65 8.25
C ALA B 87 -21.79 -1.42 7.73
N PRO B 88 -21.17 -0.23 7.87
CA PRO B 88 -21.78 1.03 7.43
C PRO B 88 -22.14 1.00 5.95
N GLN B 89 -23.30 1.54 5.59
CA GLN B 89 -23.68 1.68 4.19
C GLN B 89 -22.62 2.46 3.40
N GLY B 90 -22.25 1.93 2.24
CA GLY B 90 -21.21 2.55 1.45
C GLY B 90 -19.85 1.88 1.55
N SER B 91 -19.56 1.23 2.68
CA SER B 91 -18.30 0.51 2.85
C SER B 91 -18.29 -0.75 1.98
N ARG B 92 -17.12 -1.34 1.82
CA ARG B 92 -16.97 -2.59 1.08
C ARG B 92 -16.26 -3.59 1.99
N SER B 93 -16.63 -4.87 1.89
CA SER B 93 -16.11 -5.87 2.81
C SER B 93 -14.99 -6.68 2.21
N LEU B 94 -14.06 -7.08 3.06
CA LEU B 94 -13.07 -8.09 2.70
C LEU B 94 -13.66 -9.47 2.91
N THR B 95 -13.13 -10.46 2.18
CA THR B 95 -13.51 -11.85 2.42
C THR B 95 -12.48 -12.50 3.29
N PRO B 96 -12.89 -13.44 4.15
CA PRO B 96 -11.85 -14.20 4.87
C PRO B 96 -11.00 -14.94 3.85
N CYS B 97 -9.70 -15.00 4.10
CA CYS B 97 -8.78 -15.63 3.15
C CYS B 97 -8.73 -17.14 3.42
N THR B 98 -8.67 -17.93 2.35
CA THR B 98 -8.87 -19.38 2.45
C THR B 98 -7.70 -20.11 1.79
N CYS B 99 -6.73 -19.34 1.30
CA CYS B 99 -5.61 -19.87 0.53
C CYS B 99 -4.49 -20.43 1.44
N GLY B 100 -4.44 -19.96 2.69
CA GLY B 100 -3.59 -20.61 3.69
C GLY B 100 -2.17 -20.11 3.86
N SER B 101 -1.78 -19.08 3.10
CA SER B 101 -0.39 -18.60 3.11
C SER B 101 0.09 -18.12 4.48
N SER B 102 1.41 -18.17 4.67
CA SER B 102 2.04 -17.62 5.86
C SER B 102 2.75 -16.31 5.51
N ASP B 103 2.46 -15.81 4.31
CA ASP B 103 2.91 -14.48 3.89
C ASP B 103 1.81 -13.45 4.09
N LEU B 104 1.93 -12.69 5.17
CA LEU B 104 0.87 -11.74 5.52
C LEU B 104 1.30 -10.29 5.31
N TYR B 105 0.31 -9.43 5.11
CA TYR B 105 0.58 -8.01 4.94
C TYR B 105 -0.31 -7.16 5.83
N LEU B 106 0.31 -6.38 6.68
CA LEU B 106 -0.40 -5.56 7.67
C LEU B 106 -0.61 -4.15 7.13
N VAL B 107 -1.83 -3.65 7.26
CA VAL B 107 -2.11 -2.30 6.80
C VAL B 107 -2.28 -1.36 7.99
N THR B 108 -1.37 -0.39 8.10
CA THR B 108 -1.40 0.59 9.18
C THR B 108 -2.37 1.73 8.91
N ARG B 109 -2.54 2.57 9.92
CA ARG B 109 -3.44 3.72 9.88
C ARG B 109 -2.90 4.80 8.91
N HIS B 110 -1.61 4.78 8.64
CA HIS B 110 -1.05 5.67 7.63
C HIS B 110 -1.07 5.07 6.22
N ALA B 111 -1.79 3.96 6.06
CA ALA B 111 -1.94 3.31 4.76
C ALA B 111 -0.61 2.78 4.21
N ASP B 112 0.30 2.39 5.10
CA ASP B 112 1.45 1.62 4.68
C ASP B 112 1.08 0.14 4.67
N VAL B 113 1.75 -0.61 3.81
CA VAL B 113 1.65 -2.06 3.79
C VAL B 113 2.98 -2.66 4.18
N ILE B 114 3.02 -3.36 5.30
CA ILE B 114 4.26 -3.95 5.73
C ILE B 114 4.18 -5.48 5.82
N PRO B 115 5.21 -6.16 5.32
CA PRO B 115 5.25 -7.63 5.28
C PRO B 115 5.41 -8.27 6.65
N VAL B 116 4.62 -9.31 6.89
CA VAL B 116 4.72 -10.09 8.13
C VAL B 116 4.86 -11.58 7.86
N ARG B 117 5.74 -12.22 8.60
CA ARG B 117 5.91 -13.65 8.52
C ARG B 117 5.15 -14.33 9.65
N ARG B 118 4.28 -15.26 9.29
CA ARG B 118 3.44 -15.93 10.27
C ARG B 118 4.28 -16.84 11.15
N ARG B 119 4.10 -16.72 12.46
CA ARG B 119 4.80 -17.59 13.41
C ARG B 119 3.82 -18.29 14.35
N GLY B 120 2.65 -18.64 13.85
CA GLY B 120 1.65 -19.27 14.71
C GLY B 120 0.21 -18.86 14.45
N ASP B 121 -0.65 -19.11 15.42
CA ASP B 121 -2.08 -18.81 15.31
C ASP B 121 -2.36 -17.31 15.31
N SER B 122 -1.78 -16.60 16.29
CA SER B 122 -2.08 -15.20 16.51
C SER B 122 -0.82 -14.35 16.58
N ARG B 123 0.26 -14.84 15.98
CA ARG B 123 1.55 -14.18 16.09
C ARG B 123 2.27 -14.12 14.74
N GLY B 124 2.87 -12.98 14.45
CA GLY B 124 3.67 -12.84 13.25
C GLY B 124 4.87 -11.95 13.51
N SER B 125 5.94 -12.17 12.76
CA SER B 125 7.15 -11.35 12.93
C SER B 125 7.29 -10.36 11.79
N LEU B 126 7.72 -9.15 12.13
CA LEU B 126 8.01 -8.13 11.14
C LEU B 126 9.28 -8.55 10.42
N LEU B 127 9.31 -8.41 9.10
CA LEU B 127 10.50 -8.78 8.36
C LEU B 127 11.60 -7.72 8.50
N SER B 128 11.18 -6.47 8.62
CA SER B 128 12.07 -5.42 9.08
C SER B 128 11.36 -4.65 10.18
N PRO B 129 11.92 -4.66 11.39
CA PRO B 129 11.32 -4.03 12.57
C PRO B 129 11.16 -2.51 12.45
N ARG B 130 10.24 -1.98 13.24
CA ARG B 130 9.85 -0.59 13.17
C ARG B 130 9.70 -0.04 14.59
N PRO B 131 9.78 1.29 14.76
CA PRO B 131 9.44 1.91 16.04
C PRO B 131 8.01 1.54 16.42
N ILE B 132 7.74 1.47 17.71
CA ILE B 132 6.40 1.11 18.16
C ILE B 132 5.37 2.18 17.79
N SER B 133 5.79 3.44 17.77
CA SER B 133 4.89 4.54 17.47
C SER B 133 4.34 4.39 16.05
N TYR B 134 5.14 3.79 15.19
CA TYR B 134 4.74 3.54 13.80
C TYR B 134 3.41 2.80 13.74
N LEU B 135 3.15 1.96 14.74
CA LEU B 135 1.96 1.11 14.73
C LEU B 135 0.81 1.68 15.53
N LYS B 136 1.06 2.76 16.27
CA LYS B 136 0.03 3.34 17.12
C LYS B 136 -1.23 3.61 16.29
N GLY B 137 -2.38 3.36 16.92
CA GLY B 137 -3.65 3.62 16.25
C GLY B 137 -4.00 2.66 15.14
N SER B 138 -3.14 1.66 14.90
CA SER B 138 -3.38 0.73 13.82
C SER B 138 -4.12 -0.55 14.21
N SER B 139 -4.30 -0.79 15.51
CA SER B 139 -4.97 -2.01 15.93
C SER B 139 -6.45 -1.99 15.53
N GLY B 140 -6.94 -3.14 15.08
CA GLY B 140 -8.23 -3.19 14.42
C GLY B 140 -8.06 -3.32 12.91
N GLY B 141 -6.90 -2.91 12.40
CA GLY B 141 -6.65 -2.96 10.97
C GLY B 141 -6.43 -4.39 10.49
N PRO B 142 -6.46 -4.62 9.17
CA PRO B 142 -6.41 -5.96 8.58
C PRO B 142 -4.99 -6.49 8.43
N LEU B 143 -4.81 -7.79 8.67
CA LEU B 143 -3.69 -8.51 8.09
C LEU B 143 -4.22 -9.28 6.90
N LEU B 144 -3.54 -9.14 5.76
CA LEU B 144 -4.03 -9.70 4.51
C LEU B 144 -3.12 -10.83 4.03
N CYS B 145 -3.71 -11.77 3.29
CA CYS B 145 -2.92 -12.71 2.51
C CYS B 145 -2.66 -12.07 1.16
N PRO B 146 -1.76 -12.65 0.37
CA PRO B 146 -1.36 -12.03 -0.91
C PRO B 146 -2.51 -11.70 -1.85
N ALA B 147 -3.56 -12.53 -1.83
CA ALA B 147 -4.68 -12.31 -2.74
C ALA B 147 -5.55 -11.14 -2.27
N GLY B 148 -5.26 -10.61 -1.08
CA GLY B 148 -5.97 -9.42 -0.64
C GLY B 148 -7.14 -9.72 0.29
N HIS B 149 -7.20 -10.94 0.79
CA HIS B 149 -8.25 -11.30 1.73
C HIS B 149 -7.74 -11.21 3.15
N ALA B 150 -8.67 -11.20 4.10
CA ALA B 150 -8.33 -10.93 5.49
C ALA B 150 -7.94 -12.21 6.23
N VAL B 151 -6.79 -12.18 6.90
CA VAL B 151 -6.35 -13.33 7.67
C VAL B 151 -6.55 -13.06 9.16
N GLY B 152 -6.80 -11.79 9.50
CA GLY B 152 -6.95 -11.43 10.89
C GLY B 152 -6.82 -9.93 11.12
N LEU B 153 -7.02 -9.53 12.37
CA LEU B 153 -6.94 -8.13 12.75
C LEU B 153 -5.77 -7.94 13.69
N PHE B 154 -5.03 -6.86 13.48
CA PHE B 154 -3.92 -6.48 14.33
C PHE B 154 -4.43 -6.21 15.73
N ARG B 155 -3.80 -6.81 16.73
CA ARG B 155 -4.22 -6.63 18.11
C ARG B 155 -3.23 -5.78 18.88
N ALA B 156 -1.96 -6.18 18.86
CA ALA B 156 -0.94 -5.49 19.63
C ALA B 156 0.45 -5.82 19.14
N ALA B 157 1.33 -4.83 19.17
CA ALA B 157 2.71 -5.03 18.74
C ALA B 157 3.53 -5.68 19.86
N VAL B 158 4.33 -6.68 19.50
CA VAL B 158 5.29 -7.25 20.44
C VAL B 158 6.53 -6.39 20.48
N CYS B 159 6.72 -5.67 21.57
CA CYS B 159 7.80 -4.71 21.67
C CYS B 159 9.02 -5.21 22.44
N THR B 160 9.98 -4.30 22.60
CA THR B 160 11.31 -4.63 23.08
C THR B 160 12.11 -3.33 22.95
N ARG B 161 12.27 -2.61 24.04
CA ARG B 161 13.01 -1.34 24.00
C ARG B 161 12.31 -0.30 23.11
N GLY B 162 11.01 -0.46 22.91
CA GLY B 162 10.29 0.50 22.08
C GLY B 162 10.36 0.19 20.60
N VAL B 163 10.84 -1.01 20.26
CA VAL B 163 10.96 -1.40 18.87
C VAL B 163 10.13 -2.64 18.58
N ALA B 164 9.12 -2.48 17.73
CA ALA B 164 8.22 -3.59 17.42
C ALA B 164 8.95 -4.58 16.53
N LYS B 165 9.07 -5.81 16.98
CA LYS B 165 9.78 -6.84 16.22
C LYS B 165 8.79 -7.85 15.67
N ALA B 166 7.54 -7.76 16.13
CA ALA B 166 6.50 -8.72 15.78
C ALA B 166 5.16 -8.24 16.30
N VAL B 167 4.09 -8.84 15.82
CA VAL B 167 2.74 -8.42 16.23
C VAL B 167 1.81 -9.58 16.60
N ASP B 168 0.95 -9.33 17.56
CA ASP B 168 -0.14 -10.24 17.88
C ASP B 168 -1.39 -9.84 17.13
N PHE B 169 -2.06 -10.81 16.52
CA PHE B 169 -3.30 -10.55 15.82
C PHE B 169 -4.41 -11.52 16.17
N ILE B 170 -5.64 -11.07 15.99
CA ILE B 170 -6.82 -11.91 16.15
C ILE B 170 -7.16 -12.57 14.82
N PRO B 171 -7.03 -13.91 14.76
CA PRO B 171 -7.29 -14.72 13.57
C PRO B 171 -8.76 -14.66 13.18
N VAL B 172 -9.02 -14.64 11.88
CA VAL B 172 -10.39 -14.62 11.39
C VAL B 172 -11.28 -15.65 12.11
N GLU B 173 -10.70 -16.78 12.48
CA GLU B 173 -11.45 -17.86 13.13
C GLU B 173 -12.13 -17.41 14.43
N ASN B 174 -11.45 -16.58 15.21
CA ASN B 174 -12.02 -16.04 16.43
C ASN B 174 -13.21 -15.16 16.11
N LEU B 175 -13.29 -14.71 14.87
CA LEU B 175 -14.47 -14.01 14.39
C LEU B 175 -15.64 -15.00 14.30
N GLU B 176 -15.41 -16.11 13.62
CA GLU B 176 -16.43 -17.14 13.45
C GLU B 176 -16.95 -17.62 14.80
N THR B 177 -16.01 -17.81 15.73
CA THR B 177 -16.35 -18.26 17.08
C THR B 177 -17.14 -17.21 17.85
N THR B 178 -16.76 -15.95 17.70
CA THR B 178 -17.44 -14.87 18.38
C THR B 178 -18.89 -14.71 17.88
N MET B 179 -19.12 -14.96 16.59
CA MET B 179 -20.46 -14.83 16.04
C MET B 179 -21.36 -15.95 16.51
N ARG B 180 -20.76 -17.08 16.85
CA ARG B 180 -21.50 -18.22 17.38
C ARG B 180 -21.97 -18.06 18.82
N SER B 181 -21.35 -17.16 19.58
CA SER B 181 -21.68 -16.98 21.00
C SER B 181 -22.58 -15.78 21.31
N GLY C 2 19.42 19.11 -24.54
CA GLY C 2 17.99 19.06 -24.08
C GLY C 2 17.86 18.54 -22.66
N SER C 3 16.70 18.76 -22.06
CA SER C 3 16.44 18.32 -20.69
C SER C 3 15.31 17.27 -20.71
N VAL C 4 15.26 16.39 -19.71
CA VAL C 4 14.13 15.46 -19.60
C VAL C 4 12.95 16.18 -18.95
N VAL C 5 11.77 16.13 -19.57
CA VAL C 5 10.57 16.71 -18.95
C VAL C 5 9.57 15.65 -18.49
N ILE C 6 8.76 16.02 -17.49
CA ILE C 6 7.74 15.15 -16.91
C ILE C 6 6.40 15.45 -17.57
N VAL C 7 5.78 14.45 -18.17
CA VAL C 7 4.55 14.71 -18.92
C VAL C 7 3.30 14.08 -18.32
N GLY C 8 3.45 13.46 -17.16
CA GLY C 8 2.32 12.83 -16.49
C GLY C 8 2.80 12.10 -15.26
N ARG C 9 1.86 11.63 -14.44
CA ARG C 9 2.20 10.93 -13.21
C ARG C 9 1.27 9.75 -12.92
N ILE C 10 1.84 8.72 -12.30
CA ILE C 10 1.09 7.55 -11.86
C ILE C 10 1.15 7.40 -10.33
N VAL C 11 -0.01 7.31 -9.71
CA VAL C 11 -0.09 7.00 -8.28
C VAL C 11 -0.47 5.52 -8.10
N LEU C 12 0.40 4.76 -7.45
CA LEU C 12 0.20 3.31 -7.31
C LEU C 12 -1.09 2.90 -6.58
N SER C 13 -1.46 3.63 -5.53
CA SER C 13 -2.62 3.24 -4.72
C SER C 13 -3.94 3.56 -5.41
N GLY C 14 -3.89 4.46 -6.39
CA GLY C 14 -5.10 4.84 -7.08
C GLY C 14 -5.78 6.03 -6.44
N LYS C 15 -5.13 6.61 -5.44
CA LYS C 15 -5.68 7.74 -4.69
C LYS C 15 -6.16 8.91 -5.57
N PRO C 16 -7.45 9.25 -5.48
CA PRO C 16 -8.12 10.35 -6.19
C PRO C 16 -7.88 11.73 -5.55
N ALA C 17 -7.84 12.76 -6.37
CA ALA C 17 -7.61 14.13 -5.89
C ALA C 17 -8.78 14.62 -5.03
N LYS D 1 -22.43 6.89 27.28
CA LYS D 1 -21.03 7.04 26.76
C LYS D 1 -21.03 7.41 25.28
N GLY D 2 -19.94 8.03 24.83
CA GLY D 2 -19.92 8.58 23.49
C GLY D 2 -19.76 7.52 22.42
N SER D 3 -20.36 7.74 21.25
CA SER D 3 -20.24 6.81 20.13
C SER D 3 -18.82 6.77 19.56
N VAL D 4 -18.45 5.64 18.96
CA VAL D 4 -17.24 5.62 18.14
C VAL D 4 -17.58 6.31 16.84
N VAL D 5 -16.62 7.07 16.32
CA VAL D 5 -16.87 7.86 15.12
C VAL D 5 -15.84 7.64 14.02
N ILE D 6 -16.35 7.41 12.82
CA ILE D 6 -15.47 7.30 11.65
C ILE D 6 -14.90 8.67 11.31
N VAL D 7 -13.58 8.79 11.41
CA VAL D 7 -12.92 10.07 11.13
C VAL D 7 -11.95 9.97 9.96
N GLY D 8 -12.04 8.86 9.24
CA GLY D 8 -11.20 8.65 8.08
C GLY D 8 -11.40 7.27 7.51
N ARG D 9 -10.65 6.96 6.46
CA ARG D 9 -10.78 5.66 5.84
C ARG D 9 -9.55 5.28 5.07
N ILE D 10 -9.40 3.98 4.87
CA ILE D 10 -8.31 3.44 4.09
C ILE D 10 -8.85 2.55 3.00
N VAL D 11 -8.36 2.75 1.78
CA VAL D 11 -8.91 2.08 0.61
C VAL D 11 -7.90 1.14 -0.02
N LEU D 12 -8.26 -0.13 -0.08
CA LEU D 12 -7.35 -1.16 -0.50
C LEU D 12 -7.62 -1.49 -1.95
N SER D 13 -8.76 -1.05 -2.46
CA SER D 13 -9.19 -1.46 -3.78
C SER D 13 -8.81 -0.48 -4.90
N GLY D 14 -8.14 0.60 -4.55
CA GLY D 14 -7.53 1.43 -5.59
C GLY D 14 -6.50 0.62 -6.38
N LYS D 15 -6.43 0.88 -7.66
CA LYS D 15 -5.41 0.27 -8.51
C LYS D 15 -4.56 1.39 -9.13
N PRO D 16 -3.34 1.07 -9.61
CA PRO D 16 -2.45 2.13 -10.10
C PRO D 16 -3.16 2.93 -11.17
N ALA D 17 -3.01 4.24 -11.12
CA ALA D 17 -3.67 5.10 -12.10
C ALA D 17 -2.80 6.28 -12.53
N ILE D 18 -3.04 6.75 -13.75
CA ILE D 18 -2.48 8.02 -14.19
C ILE D 18 -3.26 9.13 -13.51
N ILE D 19 -2.56 9.98 -12.76
CA ILE D 19 -3.20 11.10 -12.08
C ILE D 19 -3.76 12.09 -13.09
N PRO D 20 -5.09 12.29 -13.07
CA PRO D 20 -5.74 13.18 -14.04
C PRO D 20 -5.16 14.59 -14.00
N ALA D 21 -4.59 15.02 -15.12
CA ALA D 21 -4.02 16.37 -15.22
C ALA D 21 -5.18 17.37 -15.33
ZN ZN E . 8.18 -7.07 -0.84
ZN ZN F . -7.00 -16.16 0.74
#